data_9GVS
#
_entry.id   9GVS
#
_cell.length_a   93.329
_cell.length_b   61.918
_cell.length_c   118.960
_cell.angle_alpha   90.000
_cell.angle_beta   102.176
_cell.angle_gamma   90.000
#
_symmetry.space_group_name_H-M   'C 1 2 1'
#
loop_
_entity.id
_entity.type
_entity.pdbx_description
1 polymer 'Peroxisome proliferator-activated receptor gamma'
2 non-polymer '4-[1-[2-chloranyl-6-(trifluoromethyl)phenyl]carbonyl-6-(trifluoromethyl)indazol-3-yl]-3-phenylmethoxy-benzoic acid'
#
_entity_poly.entity_id   1
_entity_poly.type   'polypeptide(L)'
_entity_poly.pdbx_seq_one_letter_code
;GSHMESADLRALAKHLYDSYIKSFPLTKAKARAILTGKTTDKSPFVIYDMNSLMMGEDKIKFKHITPLQEQSKEVAIRIF
QGCQFRSVEAVQEITEYAKSIPGFVNLDLNDQVTLLKYGVHEIIYTMLASLMNKDGVLISEGQGFMTREFLKSLRKPFGD
FMEPKFEFAVKFNALELDDSDLAIFIAVIILSGDRPGLLNVKPIEDIQDNLLQALELQLKLNHPESSQLFAKLLQKMTDL
RQIVTEHVQLLQVIKKTETDMSLHPLLQEIYKDLY
;
_entity_poly.pdbx_strand_id   B,A
#
loop_
_chem_comp.id
_chem_comp.type
_chem_comp.name
_chem_comp.formula
A1IPR non-polymer '4-[1-[2-chloranyl-6-(trifluoromethyl)phenyl]carbonyl-6-(trifluoromethyl)indazol-3-yl]-3-phenylmethoxy-benzoic acid' 'C30 H17 Cl F6 N2 O4'
#
# COMPACT_ATOMS: atom_id res chain seq x y z
N HIS A 3 -23.16 -13.62 5.27
CA HIS A 3 -23.11 -12.59 4.25
C HIS A 3 -23.55 -13.22 2.92
N MET A 4 -22.76 -14.18 2.41
CA MET A 4 -23.08 -14.84 1.15
C MET A 4 -22.78 -16.33 1.28
N GLU A 5 -23.58 -17.14 0.58
CA GLU A 5 -23.43 -18.59 0.57
C GLU A 5 -22.34 -19.02 -0.41
N SER A 6 -21.66 -20.12 -0.05
CA SER A 6 -20.50 -20.59 -0.80
C SER A 6 -20.83 -20.82 -2.28
N ALA A 7 -22.02 -21.33 -2.59
CA ALA A 7 -22.36 -21.60 -3.98
C ALA A 7 -22.51 -20.31 -4.79
N ASP A 8 -22.98 -19.23 -4.15
CA ASP A 8 -23.11 -17.96 -4.86
C ASP A 8 -21.75 -17.33 -5.13
N LEU A 9 -20.77 -17.59 -4.27
CA LEU A 9 -19.43 -17.07 -4.48
C LEU A 9 -18.78 -17.70 -5.70
N ARG A 10 -19.01 -19.00 -5.91
CA ARG A 10 -18.48 -19.65 -7.10
C ARG A 10 -19.14 -19.12 -8.36
N ALA A 11 -20.45 -18.84 -8.29
CA ALA A 11 -21.14 -18.23 -9.43
C ALA A 11 -20.58 -16.86 -9.73
N LEU A 12 -20.34 -16.06 -8.69
CA LEU A 12 -19.76 -14.74 -8.91
C LEU A 12 -18.36 -14.88 -9.51
N ALA A 13 -17.56 -15.81 -9.00
CA ALA A 13 -16.23 -16.04 -9.55
C ALA A 13 -16.30 -16.47 -11.01
N LYS A 14 -17.22 -17.39 -11.33
CA LYS A 14 -17.33 -17.84 -12.71
C LYS A 14 -17.81 -16.74 -13.64
N HIS A 15 -18.77 -15.93 -13.19
CA HIS A 15 -19.22 -14.79 -14.00
C HIS A 15 -18.05 -13.88 -14.34
N LEU A 16 -17.23 -13.58 -13.35
CA LEU A 16 -16.14 -12.64 -13.60
C LEU A 16 -15.11 -13.24 -14.55
N TYR A 17 -14.78 -14.52 -14.38
CA TYR A 17 -13.81 -15.17 -15.28
C TYR A 17 -14.27 -15.10 -16.73
N ASP A 18 -15.53 -15.46 -16.98
CA ASP A 18 -16.08 -15.42 -18.34
C ASP A 18 -15.97 -14.02 -18.95
N SER A 19 -16.30 -13.01 -18.17
CA SER A 19 -16.28 -11.64 -18.70
C SER A 19 -14.84 -11.17 -18.92
N TYR A 20 -13.93 -11.57 -18.03
CA TYR A 20 -12.52 -11.23 -18.17
C TYR A 20 -11.95 -11.82 -19.46
N ILE A 21 -12.36 -13.04 -19.82
CA ILE A 21 -11.91 -13.66 -21.07
C ILE A 21 -12.40 -12.88 -22.29
N LYS A 22 -13.63 -12.37 -22.24
CA LYS A 22 -14.19 -11.62 -23.37
C LYS A 22 -13.62 -10.20 -23.48
N SER A 23 -13.22 -9.59 -22.37
CA SER A 23 -12.82 -8.19 -22.40
C SER A 23 -11.36 -7.99 -22.76
N PHE A 24 -10.50 -8.93 -22.42
CA PHE A 24 -9.07 -8.79 -22.61
C PHE A 24 -8.59 -9.78 -23.66
N PRO A 25 -7.98 -9.32 -24.76
CA PRO A 25 -7.66 -10.26 -25.84
C PRO A 25 -6.58 -11.28 -25.48
N LEU A 26 -5.55 -10.89 -24.75
CA LEU A 26 -4.41 -11.75 -24.47
C LEU A 26 -4.42 -12.19 -23.01
N THR A 27 -4.85 -13.42 -22.75
CA THR A 27 -4.97 -13.85 -21.36
C THR A 27 -3.60 -14.18 -20.79
N LYS A 28 -3.52 -14.31 -19.47
CA LYS A 28 -2.25 -14.73 -18.88
C LYS A 28 -1.87 -16.14 -19.33
N ALA A 29 -2.87 -17.02 -19.43
CA ALA A 29 -2.61 -18.38 -19.88
C ALA A 29 -1.97 -18.39 -21.26
N LYS A 30 -2.48 -17.57 -22.18
CA LYS A 30 -1.92 -17.52 -23.52
C LYS A 30 -0.55 -16.87 -23.53
N ALA A 31 -0.38 -15.78 -22.76
CA ALA A 31 0.92 -15.14 -22.69
C ALA A 31 2.00 -16.10 -22.17
N ARG A 32 1.65 -16.92 -21.17
CA ARG A 32 2.62 -17.83 -20.58
C ARG A 32 3.06 -18.90 -21.57
N ALA A 33 2.12 -19.35 -22.42
CA ALA A 33 2.48 -20.29 -23.48
C ALA A 33 3.50 -19.68 -24.42
N ILE A 34 3.35 -18.39 -24.72
CA ILE A 34 4.29 -17.73 -25.62
C ILE A 34 5.64 -17.53 -24.92
N LEU A 35 5.63 -17.05 -23.67
CA LEU A 35 6.89 -16.73 -23.01
C LEU A 35 7.72 -17.97 -22.69
N THR A 36 7.08 -19.11 -22.40
CA THR A 36 7.80 -20.31 -22.03
C THR A 36 8.39 -21.06 -23.20
N GLY A 37 7.90 -20.82 -24.41
CA GLY A 37 8.30 -21.60 -25.55
C GLY A 37 7.45 -22.81 -25.80
N LYS A 38 6.21 -22.82 -25.32
CA LYS A 38 5.27 -23.90 -25.50
C LYS A 38 4.36 -23.68 -26.71
N THR A 39 4.87 -23.01 -27.74
CA THR A 39 4.14 -22.72 -28.98
C THR A 39 3.44 -23.95 -29.55
N LYS A 42 4.36 -20.53 -33.68
CA LYS A 42 4.54 -19.16 -34.14
C LYS A 42 5.35 -18.34 -33.13
N SER A 43 6.66 -18.31 -33.32
CA SER A 43 7.54 -17.58 -32.41
C SER A 43 7.35 -16.08 -32.59
N PRO A 44 7.26 -15.31 -31.51
CA PRO A 44 7.05 -13.87 -31.66
C PRO A 44 8.31 -13.18 -32.16
N PHE A 45 8.10 -12.02 -32.79
CA PHE A 45 9.22 -11.23 -33.26
C PHE A 45 9.90 -10.54 -32.07
N VAL A 46 11.22 -10.64 -32.00
CA VAL A 46 11.96 -10.21 -30.82
C VAL A 46 12.62 -8.89 -31.12
N ILE A 47 12.41 -7.91 -30.25
CA ILE A 47 13.03 -6.60 -30.37
C ILE A 47 14.03 -6.50 -29.23
N TYR A 48 15.32 -6.49 -29.58
CA TYR A 48 16.40 -6.53 -28.62
C TYR A 48 17.44 -5.45 -28.84
N ASP A 49 17.30 -4.64 -29.89
CA ASP A 49 18.25 -3.57 -30.19
C ASP A 49 17.61 -2.65 -31.24
N MET A 50 18.37 -1.63 -31.65
CA MET A 50 17.83 -0.62 -32.56
C MET A 50 17.42 -1.24 -33.90
N ASN A 51 18.32 -2.03 -34.54
CA ASN A 51 18.02 -2.58 -35.86
C ASN A 51 16.81 -3.50 -35.84
N SER A 52 16.71 -4.36 -34.83
CA SER A 52 15.55 -5.25 -34.77
C SER A 52 14.26 -4.44 -34.57
N LEU A 53 14.34 -3.32 -33.87
CA LEU A 53 13.17 -2.43 -33.77
C LEU A 53 12.72 -1.97 -35.16
N MET A 54 13.65 -1.49 -35.97
CA MET A 54 13.31 -1.05 -37.33
C MET A 54 12.63 -2.15 -38.13
N MET A 55 13.20 -3.36 -38.14
CA MET A 55 12.60 -4.42 -38.94
C MET A 55 11.20 -4.77 -38.42
N GLY A 56 11.02 -4.76 -37.10
CA GLY A 56 9.71 -5.12 -36.54
C GLY A 56 8.60 -4.19 -36.98
N GLU A 57 8.87 -2.89 -37.01
CA GLU A 57 7.85 -1.96 -37.44
C GLU A 57 7.63 -1.98 -38.94
N ASP A 58 8.60 -2.49 -39.71
CA ASP A 58 8.40 -2.70 -41.15
C ASP A 58 7.63 -3.99 -41.41
N LYS A 59 8.02 -5.09 -40.77
CA LYS A 59 7.42 -6.39 -41.09
C LYS A 59 6.08 -6.57 -40.39
N ILE A 60 6.00 -6.27 -39.09
CA ILE A 60 4.78 -6.50 -38.35
C ILE A 60 3.89 -5.25 -38.32
N LYS A 61 4.47 -4.08 -38.56
CA LYS A 61 3.77 -2.80 -38.47
C LYS A 61 3.00 -2.68 -37.14
N PHE A 62 3.79 -2.57 -36.06
CA PHE A 62 3.24 -2.35 -34.74
C PHE A 62 2.55 -0.99 -34.67
N LYS A 63 1.28 -0.98 -34.27
CA LYS A 63 0.48 0.25 -34.31
C LYS A 63 0.86 1.24 -33.22
N HIS A 64 1.47 0.78 -32.13
CA HIS A 64 1.99 1.69 -31.10
C HIS A 64 3.23 2.42 -31.60
N ILE A 65 4.21 1.68 -32.13
CA ILE A 65 5.46 2.25 -32.62
C ILE A 65 5.46 2.34 -34.14
N THR A 66 4.63 3.22 -34.70
CA THR A 66 4.55 3.44 -36.13
C THR A 66 5.54 4.52 -36.57
N LYS A 73 10.74 11.04 -34.95
CA LYS A 73 11.20 11.34 -33.60
C LYS A 73 12.41 10.47 -33.24
N GLU A 74 12.74 10.43 -31.97
CA GLU A 74 13.84 9.64 -31.44
C GLU A 74 13.32 8.32 -30.85
N VAL A 75 14.16 7.29 -30.91
CA VAL A 75 13.73 5.92 -30.58
C VAL A 75 13.20 5.84 -29.15
N ALA A 76 13.97 6.34 -28.17
CA ALA A 76 13.52 6.24 -26.79
C ALA A 76 12.15 6.88 -26.60
N ILE A 77 11.90 7.99 -27.28
CA ILE A 77 10.63 8.69 -27.19
C ILE A 77 9.50 7.88 -27.84
N ARG A 78 9.72 7.40 -29.07
CA ARG A 78 8.72 6.58 -29.74
C ARG A 78 8.25 5.40 -28.87
N ILE A 79 9.19 4.69 -28.25
CA ILE A 79 8.86 3.55 -27.40
C ILE A 79 8.02 4.00 -26.20
N PHE A 80 8.47 5.08 -25.55
CA PHE A 80 7.69 5.63 -24.45
C PHE A 80 6.28 5.97 -24.89
N GLN A 81 6.15 6.66 -26.01
CA GLN A 81 4.84 7.05 -26.50
C GLN A 81 4.02 5.83 -26.87
N GLY A 82 4.67 4.80 -27.40
CA GLY A 82 3.97 3.55 -27.69
C GLY A 82 3.36 2.91 -26.46
N CYS A 83 4.06 2.97 -25.32
CA CYS A 83 3.49 2.46 -24.08
C CYS A 83 2.24 3.24 -23.71
N GLN A 84 2.24 4.55 -23.98
CA GLN A 84 1.07 5.38 -23.70
C GLN A 84 -0.09 5.00 -24.60
N PHE A 85 0.19 4.75 -25.88
CA PHE A 85 -0.87 4.36 -26.79
C PHE A 85 -1.57 3.08 -26.30
N ARG A 86 -0.78 2.09 -25.88
CA ARG A 86 -1.40 0.83 -25.48
C ARG A 86 -2.19 0.98 -24.18
N SER A 87 -1.69 1.83 -23.27
CA SER A 87 -2.37 2.05 -22.01
C SER A 87 -3.77 2.62 -22.23
N VAL A 88 -3.89 3.57 -23.14
CA VAL A 88 -5.20 4.13 -23.49
C VAL A 88 -6.10 3.06 -24.08
N GLU A 89 -5.56 2.17 -24.92
CA GLU A 89 -6.39 1.06 -25.37
C GLU A 89 -6.88 0.22 -24.20
N ALA A 90 -5.99 -0.04 -23.24
CA ALA A 90 -6.34 -0.90 -22.12
C ALA A 90 -7.42 -0.29 -21.25
N VAL A 91 -7.41 1.05 -21.09
CA VAL A 91 -8.46 1.72 -20.32
C VAL A 91 -9.84 1.34 -20.86
N GLN A 92 -10.01 1.29 -22.18
CA GLN A 92 -11.31 0.92 -22.72
C GLN A 92 -11.65 -0.54 -22.42
N GLU A 93 -10.65 -1.42 -22.43
CA GLU A 93 -10.93 -2.82 -22.10
C GLU A 93 -11.33 -2.98 -20.63
N ILE A 94 -10.64 -2.31 -19.72
CA ILE A 94 -10.99 -2.34 -18.30
C ILE A 94 -12.37 -1.73 -18.05
N THR A 95 -12.67 -0.64 -18.76
CA THR A 95 -13.97 0.02 -18.62
C THR A 95 -15.09 -0.94 -18.98
N GLU A 96 -14.93 -1.68 -20.07
CA GLU A 96 -15.94 -2.66 -20.46
C GLU A 96 -16.06 -3.80 -19.45
N TYR A 97 -14.94 -4.32 -18.94
CA TYR A 97 -14.99 -5.34 -17.90
C TYR A 97 -15.69 -4.83 -16.65
N ALA A 98 -15.43 -3.59 -16.26
CA ALA A 98 -16.05 -3.04 -15.04
C ALA A 98 -17.58 -3.08 -15.14
N LYS A 99 -18.13 -2.81 -16.31
CA LYS A 99 -19.58 -2.87 -16.47
C LYS A 99 -20.13 -4.26 -16.15
N SER A 100 -19.32 -5.30 -16.31
CA SER A 100 -19.80 -6.65 -16.02
C SER A 100 -19.79 -6.99 -14.53
N ILE A 101 -19.14 -6.18 -13.70
CA ILE A 101 -19.12 -6.47 -12.27
C ILE A 101 -20.50 -6.23 -11.69
N PRO A 102 -21.14 -7.25 -11.10
CA PRO A 102 -22.50 -7.06 -10.55
C PRO A 102 -22.53 -5.91 -9.57
N GLY A 103 -23.44 -4.96 -9.81
CA GLY A 103 -23.61 -3.78 -9.00
C GLY A 103 -22.96 -2.53 -9.56
N PHE A 104 -21.96 -2.68 -10.43
CA PHE A 104 -21.16 -1.52 -10.83
C PHE A 104 -22.00 -0.50 -11.59
N VAL A 105 -22.81 -0.94 -12.56
CA VAL A 105 -23.56 0.02 -13.36
C VAL A 105 -24.69 0.67 -12.57
N ASN A 106 -25.06 0.11 -11.42
CA ASN A 106 -26.09 0.69 -10.59
C ASN A 106 -25.57 1.79 -9.68
N LEU A 107 -24.25 1.96 -9.59
CA LEU A 107 -23.67 3.03 -8.82
C LEU A 107 -23.92 4.38 -9.48
N ASP A 108 -23.92 5.42 -8.65
CA ASP A 108 -23.94 6.81 -9.13
C ASP A 108 -22.93 7.00 -10.26
N LEU A 109 -23.36 7.73 -11.30
CA LEU A 109 -22.56 7.79 -12.52
C LEU A 109 -21.22 8.47 -12.27
N ASN A 110 -21.21 9.51 -11.43
CA ASN A 110 -19.95 10.14 -11.07
C ASN A 110 -19.04 9.18 -10.29
N ASP A 111 -19.63 8.32 -9.46
CA ASP A 111 -18.81 7.36 -8.72
C ASP A 111 -18.18 6.32 -9.65
N GLN A 112 -18.93 5.84 -10.65
CA GLN A 112 -18.36 4.94 -11.66
C GLN A 112 -17.14 5.57 -12.33
N VAL A 113 -17.26 6.84 -12.73
CA VAL A 113 -16.15 7.51 -13.40
C VAL A 113 -14.96 7.64 -12.46
N THR A 114 -15.22 8.01 -11.21
CA THR A 114 -14.15 8.17 -10.22
C THR A 114 -13.40 6.86 -9.97
N LEU A 115 -14.14 5.75 -9.80
CA LEU A 115 -13.50 4.46 -9.56
C LEU A 115 -12.61 4.08 -10.73
N LEU A 116 -13.09 4.30 -11.97
CA LEU A 116 -12.27 3.96 -13.14
C LEU A 116 -11.06 4.88 -13.25
N LYS A 117 -11.27 6.19 -13.04
CA LYS A 117 -10.17 7.15 -13.16
C LYS A 117 -9.00 6.80 -12.24
N TYR A 118 -9.27 6.43 -11.00
CA TYR A 118 -8.22 6.17 -10.04
C TYR A 118 -7.77 4.72 -10.00
N GLY A 119 -8.50 3.81 -10.64
CA GLY A 119 -8.19 2.41 -10.55
C GLY A 119 -7.40 1.90 -11.75
N VAL A 120 -7.52 2.55 -12.91
CA VAL A 120 -6.93 1.99 -14.13
C VAL A 120 -5.42 1.87 -14.03
N HIS A 121 -4.74 2.77 -13.32
CA HIS A 121 -3.28 2.62 -13.28
C HIS A 121 -2.86 1.36 -12.55
N GLU A 122 -3.53 1.02 -11.46
CA GLU A 122 -3.21 -0.18 -10.71
C GLU A 122 -3.53 -1.43 -11.52
N ILE A 123 -4.61 -1.40 -12.28
CA ILE A 123 -4.99 -2.58 -13.05
C ILE A 123 -4.05 -2.77 -14.24
N ILE A 124 -3.64 -1.68 -14.88
CA ILE A 124 -2.72 -1.80 -16.00
C ILE A 124 -1.41 -2.46 -15.54
N TYR A 125 -0.85 -1.99 -14.41
CA TYR A 125 0.38 -2.61 -13.93
C TYR A 125 0.15 -4.09 -13.59
N THR A 126 -0.98 -4.38 -12.94
CA THR A 126 -1.31 -5.75 -12.58
C THR A 126 -1.32 -6.63 -13.82
N MET A 127 -2.05 -6.19 -14.85
CA MET A 127 -2.25 -7.03 -16.02
C MET A 127 -1.01 -7.05 -16.89
N LEU A 128 -0.20 -5.99 -16.80
CA LEU A 128 1.08 -5.96 -17.50
C LEU A 128 1.98 -7.10 -17.03
N ALA A 129 1.95 -7.43 -15.74
CA ALA A 129 2.73 -8.53 -15.20
C ALA A 129 2.41 -9.84 -15.89
N SER A 130 1.16 -10.04 -16.31
CA SER A 130 0.83 -11.24 -17.06
C SER A 130 1.62 -11.33 -18.36
N LEU A 131 2.03 -10.20 -18.93
CA LEU A 131 2.74 -10.17 -20.22
C LEU A 131 4.25 -10.13 -20.06
N MET A 132 4.75 -10.26 -18.83
CA MET A 132 6.15 -10.05 -18.52
C MET A 132 6.76 -11.30 -17.88
N ASN A 133 8.06 -11.48 -18.16
CA ASN A 133 8.92 -12.27 -17.29
C ASN A 133 10.16 -11.45 -16.98
N LYS A 134 11.17 -12.08 -16.35
CA LYS A 134 12.37 -11.35 -15.99
C LYS A 134 13.19 -10.92 -17.20
N ASP A 135 12.88 -11.40 -18.41
CA ASP A 135 13.68 -11.09 -19.59
C ASP A 135 13.04 -10.11 -20.57
N GLY A 136 11.73 -9.89 -20.51
CA GLY A 136 11.11 -8.95 -21.42
C GLY A 136 9.60 -8.98 -21.31
N VAL A 137 8.95 -8.32 -22.28
CA VAL A 137 7.51 -8.06 -22.26
C VAL A 137 6.91 -8.34 -23.65
N LEU A 138 5.77 -9.02 -23.66
CA LEU A 138 5.02 -9.22 -24.90
C LEU A 138 4.35 -7.94 -25.34
N ILE A 139 4.30 -7.72 -26.65
CA ILE A 139 3.60 -6.58 -27.22
C ILE A 139 2.73 -7.05 -28.38
N SER A 140 1.78 -6.19 -28.77
CA SER A 140 0.88 -6.42 -29.91
C SER A 140 0.19 -7.78 -29.85
N GLU A 141 -0.58 -7.96 -28.78
CA GLU A 141 -1.29 -9.21 -28.57
C GLU A 141 -0.36 -10.41 -28.71
N GLY A 142 0.86 -10.26 -28.19
CA GLY A 142 1.79 -11.36 -28.12
C GLY A 142 2.59 -11.62 -29.39
N GLN A 143 2.40 -10.83 -30.45
CA GLN A 143 3.14 -11.09 -31.68
C GLN A 143 4.61 -10.68 -31.57
N GLY A 144 4.91 -9.68 -30.74
CA GLY A 144 6.27 -9.22 -30.54
C GLY A 144 6.72 -9.41 -29.10
N PHE A 145 8.02 -9.26 -28.88
CA PHE A 145 8.62 -9.38 -27.55
C PHE A 145 9.79 -8.42 -27.43
N MET A 146 9.72 -7.52 -26.47
CA MET A 146 10.74 -6.49 -26.29
C MET A 146 11.56 -6.85 -25.06
N THR A 147 12.88 -6.94 -25.22
CA THR A 147 13.69 -7.44 -24.11
C THR A 147 13.83 -6.38 -23.04
N ARG A 148 14.00 -6.86 -21.79
CA ARG A 148 14.22 -5.98 -20.66
C ARG A 148 15.49 -5.17 -20.83
N GLU A 149 16.55 -5.80 -21.33
CA GLU A 149 17.81 -5.10 -21.53
C GLU A 149 17.71 -3.98 -22.55
N PHE A 150 17.01 -4.22 -23.65
CA PHE A 150 16.81 -3.13 -24.60
C PHE A 150 16.02 -1.97 -23.98
N LEU A 151 14.95 -2.29 -23.25
CA LEU A 151 14.17 -1.22 -22.62
C LEU A 151 14.99 -0.48 -21.56
N LYS A 152 15.71 -1.23 -20.72
CA LYS A 152 16.51 -0.65 -19.66
C LYS A 152 17.65 0.22 -20.19
N SER A 153 18.12 -0.02 -21.41
CA SER A 153 19.24 0.74 -21.97
C SER A 153 18.81 2.01 -22.68
N LEU A 154 17.53 2.35 -22.69
CA LEU A 154 17.13 3.60 -23.29
C LEU A 154 17.74 4.77 -22.51
N ARG A 155 18.01 5.85 -23.22
CA ARG A 155 18.80 6.94 -22.68
C ARG A 155 18.03 7.72 -21.62
N LYS A 156 18.75 8.64 -20.97
CA LYS A 156 18.33 9.69 -20.04
C LYS A 156 17.21 9.16 -19.13
N PRO A 157 16.00 9.75 -19.01
CA PRO A 157 15.08 9.18 -18.01
C PRO A 157 14.31 7.96 -18.48
N PHE A 158 14.30 7.67 -19.78
CA PHE A 158 13.43 6.59 -20.27
C PHE A 158 13.94 5.23 -19.82
N GLY A 159 15.26 5.05 -19.79
CA GLY A 159 15.82 3.80 -19.31
C GLY A 159 15.33 3.42 -17.93
N ASP A 160 15.32 4.38 -17.00
CA ASP A 160 14.95 4.10 -15.63
C ASP A 160 13.45 4.22 -15.40
N PHE A 161 12.71 4.57 -16.44
CA PHE A 161 11.25 4.59 -16.38
C PHE A 161 10.71 3.17 -16.53
N MET A 162 11.43 2.34 -17.29
CA MET A 162 10.96 1.02 -17.70
C MET A 162 11.26 -0.06 -16.66
N GLU A 163 12.41 0.04 -16.00
CA GLU A 163 12.87 -1.04 -15.13
C GLU A 163 11.98 -1.31 -13.92
N PRO A 164 11.41 -0.31 -13.23
CA PRO A 164 10.52 -0.61 -12.09
C PRO A 164 9.34 -1.51 -12.42
N LYS A 165 8.84 -1.47 -13.65
CA LYS A 165 7.72 -2.34 -14.01
C LYS A 165 8.10 -3.80 -13.93
N PHE A 166 9.29 -4.13 -14.46
CA PHE A 166 9.82 -5.49 -14.40
C PHE A 166 10.05 -5.93 -12.97
N GLU A 167 10.67 -5.06 -12.16
CA GLU A 167 10.96 -5.41 -10.78
C GLU A 167 9.68 -5.77 -10.02
N PHE A 168 8.62 -4.97 -10.20
CA PHE A 168 7.33 -5.31 -9.62
C PHE A 168 6.80 -6.61 -10.21
N ALA A 169 6.81 -6.73 -11.55
CA ALA A 169 6.20 -7.88 -12.21
C ALA A 169 6.85 -9.19 -11.77
N VAL A 170 8.17 -9.20 -11.62
CA VAL A 170 8.85 -10.42 -11.18
C VAL A 170 8.35 -10.83 -9.80
N LYS A 171 8.19 -9.87 -8.90
CA LYS A 171 7.69 -10.17 -7.55
C LYS A 171 6.23 -10.63 -7.60
N PHE A 172 5.39 -9.97 -8.39
CA PHE A 172 3.97 -10.32 -8.42
C PHE A 172 3.76 -11.70 -9.03
N ASN A 173 4.50 -12.01 -10.10
CA ASN A 173 4.32 -13.29 -10.78
C ASN A 173 4.69 -14.49 -9.91
N ALA A 174 5.56 -14.30 -8.89
CA ALA A 174 5.92 -15.41 -8.00
C ALA A 174 4.72 -15.94 -7.22
N LEU A 175 3.63 -15.18 -7.15
CA LEU A 175 2.39 -15.67 -6.53
C LEU A 175 1.69 -16.70 -7.40
N GLU A 176 2.00 -16.76 -8.70
CA GLU A 176 1.47 -17.79 -9.61
C GLU A 176 -0.05 -17.79 -9.68
N LEU A 177 -0.65 -16.60 -9.73
CA LEU A 177 -2.08 -16.50 -9.97
C LEU A 177 -2.41 -16.90 -11.40
N ASP A 178 -3.61 -17.45 -11.61
CA ASP A 178 -4.09 -17.65 -12.97
C ASP A 178 -5.24 -16.68 -13.27
N ASP A 179 -5.74 -16.77 -14.51
CA ASP A 179 -6.75 -15.82 -14.98
C ASP A 179 -7.99 -15.82 -14.09
N SER A 180 -8.42 -16.99 -13.60
CA SER A 180 -9.60 -17.01 -12.75
C SER A 180 -9.35 -16.29 -11.44
N ASP A 181 -8.12 -16.34 -10.90
CA ASP A 181 -7.78 -15.53 -9.73
C ASP A 181 -7.73 -14.03 -10.07
N LEU A 182 -7.09 -13.68 -11.19
CA LEU A 182 -6.87 -12.28 -11.54
C LEU A 182 -8.20 -11.56 -11.80
N ALA A 183 -9.14 -12.23 -12.45
CA ALA A 183 -10.44 -11.61 -12.73
C ALA A 183 -11.11 -11.09 -11.46
N ILE A 184 -11.04 -11.85 -10.36
CA ILE A 184 -11.64 -11.35 -9.12
C ILE A 184 -10.76 -10.27 -8.48
N PHE A 185 -9.44 -10.46 -8.51
CA PHE A 185 -8.54 -9.46 -7.94
C PHE A 185 -8.74 -8.09 -8.60
N ILE A 186 -8.83 -8.05 -9.93
CA ILE A 186 -9.04 -6.80 -10.64
C ILE A 186 -10.38 -6.18 -10.25
N ALA A 187 -11.41 -7.01 -10.13
CA ALA A 187 -12.69 -6.48 -9.67
C ALA A 187 -12.54 -5.82 -8.31
N VAL A 188 -11.78 -6.44 -7.40
CA VAL A 188 -11.57 -5.90 -6.06
C VAL A 188 -10.89 -4.52 -6.11
N ILE A 189 -9.91 -4.34 -7.01
CA ILE A 189 -9.24 -3.04 -7.15
C ILE A 189 -10.22 -1.96 -7.60
N ILE A 190 -11.09 -2.28 -8.55
CA ILE A 190 -11.96 -1.25 -9.10
C ILE A 190 -12.87 -0.70 -8.00
N LEU A 191 -13.38 -1.59 -7.15
CA LEU A 191 -14.37 -1.24 -6.13
C LEU A 191 -13.67 -0.79 -4.86
N SER A 192 -12.74 0.15 -4.99
CA SER A 192 -12.05 0.67 -3.82
C SER A 192 -12.82 1.88 -3.29
N GLY A 193 -13.34 1.76 -2.08
CA GLY A 193 -14.15 2.80 -1.49
C GLY A 193 -13.40 3.98 -0.97
N ASP A 194 -12.07 3.98 -1.07
CA ASP A 194 -11.27 5.08 -0.56
C ASP A 194 -10.76 6.02 -1.65
N ARG A 195 -11.32 5.94 -2.87
CA ARG A 195 -10.90 6.87 -3.91
C ARG A 195 -11.39 8.28 -3.55
N PRO A 196 -10.59 9.31 -3.84
CA PRO A 196 -11.03 10.68 -3.53
C PRO A 196 -12.30 11.05 -4.30
N GLY A 197 -13.21 11.73 -3.60
CA GLY A 197 -14.35 12.37 -4.22
C GLY A 197 -15.55 11.47 -4.44
N LEU A 198 -15.55 10.27 -3.87
CA LEU A 198 -16.70 9.37 -3.98
C LEU A 198 -17.89 9.94 -3.22
N LEU A 199 -19.07 9.88 -3.84
CA LEU A 199 -20.29 10.41 -3.25
C LEU A 199 -21.03 9.42 -2.35
N ASN A 200 -21.10 8.14 -2.74
CA ASN A 200 -21.81 7.14 -1.95
C ASN A 200 -20.89 5.92 -1.74
N VAL A 201 -20.07 5.95 -0.69
CA VAL A 201 -19.06 4.92 -0.47
C VAL A 201 -19.72 3.59 -0.13
N LYS A 202 -20.90 3.62 0.48
CA LYS A 202 -21.46 2.39 1.05
C LYS A 202 -21.70 1.28 0.03
N PRO A 203 -22.42 1.50 -1.07
CA PRO A 203 -22.63 0.39 -2.01
C PRO A 203 -21.36 -0.08 -2.64
N ILE A 204 -20.34 0.77 -2.71
CA ILE A 204 -19.05 0.36 -3.26
C ILE A 204 -18.37 -0.63 -2.33
N GLU A 205 -18.33 -0.31 -1.04
CA GLU A 205 -17.71 -1.24 -0.10
C GLU A 205 -18.54 -2.49 0.07
N ASP A 206 -19.86 -2.42 -0.13
CA ASP A 206 -20.65 -3.64 -0.10
C ASP A 206 -20.27 -4.58 -1.23
N ILE A 207 -20.12 -4.05 -2.45
CA ILE A 207 -19.73 -4.90 -3.56
C ILE A 207 -18.33 -5.46 -3.30
N GLN A 208 -17.42 -4.62 -2.80
CA GLN A 208 -16.07 -5.11 -2.57
C GLN A 208 -16.08 -6.22 -1.53
N ASP A 209 -16.91 -6.09 -0.49
CA ASP A 209 -17.02 -7.18 0.49
C ASP A 209 -17.42 -8.49 -0.18
N ASN A 210 -18.34 -8.44 -1.14
CA ASN A 210 -18.72 -9.64 -1.87
C ASN A 210 -17.55 -10.17 -2.67
N LEU A 211 -16.85 -9.27 -3.37
CA LEU A 211 -15.74 -9.66 -4.21
C LEU A 211 -14.61 -10.26 -3.39
N LEU A 212 -14.37 -9.72 -2.20
CA LEU A 212 -13.32 -10.26 -1.34
C LEU A 212 -13.67 -11.67 -0.86
N GLN A 213 -14.95 -11.89 -0.49
CA GLN A 213 -15.38 -13.23 -0.14
C GLN A 213 -15.17 -14.19 -1.30
N ALA A 214 -15.47 -13.74 -2.52
CA ALA A 214 -15.29 -14.62 -3.66
C ALA A 214 -13.82 -14.88 -3.93
N LEU A 215 -12.98 -13.87 -3.74
CA LEU A 215 -11.55 -14.07 -3.98
C LEU A 215 -10.94 -15.03 -2.97
N GLU A 216 -11.30 -14.88 -1.69
CA GLU A 216 -10.74 -15.74 -0.64
C GLU A 216 -11.08 -17.20 -0.90
N LEU A 217 -12.34 -17.48 -1.25
CA LEU A 217 -12.76 -18.85 -1.54
C LEU A 217 -12.11 -19.38 -2.81
N GLN A 218 -11.99 -18.53 -3.82
CA GLN A 218 -11.30 -18.91 -5.06
C GLN A 218 -9.87 -19.36 -4.79
N LEU A 219 -9.13 -18.56 -4.01
CA LEU A 219 -7.73 -18.86 -3.71
C LEU A 219 -7.58 -20.12 -2.88
N LYS A 220 -8.51 -20.39 -1.96
CA LYS A 220 -8.42 -21.60 -1.17
C LYS A 220 -8.67 -22.84 -2.03
N LEU A 221 -9.70 -22.80 -2.88
CA LEU A 221 -9.97 -23.95 -3.73
C LEU A 221 -8.88 -24.12 -4.78
N ASN A 222 -8.43 -23.02 -5.38
CA ASN A 222 -7.53 -23.10 -6.52
C ASN A 222 -6.06 -23.21 -6.10
N HIS A 223 -5.73 -22.83 -4.87
CA HIS A 223 -4.35 -22.92 -4.37
C HIS A 223 -4.37 -23.43 -2.92
N PRO A 224 -4.89 -24.64 -2.71
CA PRO A 224 -5.05 -25.14 -1.32
C PRO A 224 -3.74 -25.30 -0.56
N GLU A 225 -2.61 -25.47 -1.24
CA GLU A 225 -1.32 -25.63 -0.57
C GLU A 225 -0.65 -24.29 -0.27
N SER A 226 -1.13 -23.19 -0.84
CA SER A 226 -0.47 -21.89 -0.73
C SER A 226 -1.07 -21.12 0.43
N SER A 227 -0.47 -21.30 1.61
CA SER A 227 -1.05 -20.73 2.82
C SER A 227 -1.05 -19.20 2.78
N GLN A 228 -2.16 -18.62 3.21
CA GLN A 228 -2.33 -17.17 3.35
C GLN A 228 -2.05 -16.43 2.05
N LEU A 229 -2.32 -17.07 0.92
CA LEU A 229 -2.15 -16.41 -0.37
C LEU A 229 -3.06 -15.19 -0.47
N PHE A 230 -4.26 -15.31 0.09
CA PHE A 230 -5.21 -14.19 0.12
C PHE A 230 -4.55 -12.96 0.73
N ALA A 231 -4.03 -13.13 1.95
CA ALA A 231 -3.34 -12.04 2.63
C ALA A 231 -2.18 -11.49 1.80
N LYS A 232 -1.39 -12.39 1.21
CA LYS A 232 -0.21 -11.97 0.45
C LYS A 232 -0.61 -11.17 -0.78
N LEU A 233 -1.68 -11.60 -1.44
CA LEU A 233 -2.16 -10.83 -2.60
C LEU A 233 -2.62 -9.44 -2.18
N LEU A 234 -3.31 -9.34 -1.04
CA LEU A 234 -3.76 -8.03 -0.58
C LEU A 234 -2.59 -7.12 -0.24
N GLN A 235 -1.49 -7.69 0.26
CA GLN A 235 -0.30 -6.90 0.55
C GLN A 235 0.30 -6.30 -0.71
N LYS A 236 0.05 -6.93 -1.88
CA LYS A 236 0.58 -6.40 -3.13
C LYS A 236 -0.14 -5.11 -3.53
N MET A 237 -1.33 -4.85 -2.98
CA MET A 237 -1.97 -3.56 -3.25
C MET A 237 -1.12 -2.41 -2.73
N THR A 238 -0.27 -2.66 -1.74
CA THR A 238 0.71 -1.66 -1.34
C THR A 238 1.74 -1.41 -2.44
N ASP A 239 2.29 -2.49 -3.01
CA ASP A 239 3.27 -2.36 -4.07
C ASP A 239 2.71 -1.59 -5.26
N LEU A 240 1.47 -1.89 -5.64
CA LEU A 240 0.83 -1.20 -6.77
C LEU A 240 0.65 0.28 -6.50
N ARG A 241 0.03 0.62 -5.37
CA ARG A 241 -0.18 2.01 -5.02
C ARG A 241 1.13 2.77 -5.02
N GLN A 242 2.17 2.17 -4.42
CA GLN A 242 3.45 2.85 -4.34
C GLN A 242 4.07 3.05 -5.72
N ILE A 243 3.93 2.06 -6.61
CA ILE A 243 4.55 2.19 -7.92
C ILE A 243 3.77 3.19 -8.79
N VAL A 244 2.44 3.21 -8.68
CA VAL A 244 1.64 4.21 -9.38
C VAL A 244 2.07 5.63 -8.98
N THR A 245 2.27 5.88 -7.68
CA THR A 245 2.71 7.20 -7.26
C THR A 245 4.08 7.55 -7.84
N GLU A 246 5.03 6.60 -7.82
CA GLU A 246 6.33 6.84 -8.44
C GLU A 246 6.17 7.16 -9.91
N HIS A 247 5.30 6.42 -10.59
CA HIS A 247 5.10 6.59 -12.02
C HIS A 247 4.68 8.03 -12.33
N VAL A 248 3.75 8.57 -11.56
CA VAL A 248 3.30 9.95 -11.73
C VAL A 248 4.47 10.91 -11.62
N GLN A 249 5.34 10.69 -10.63
CA GLN A 249 6.49 11.57 -10.45
C GLN A 249 7.49 11.42 -11.59
N LEU A 250 7.55 10.24 -12.20
CA LEU A 250 8.42 10.05 -13.36
C LEU A 250 7.89 10.81 -14.56
N LEU A 251 6.57 10.78 -14.79
CA LEU A 251 5.99 11.53 -15.91
C LEU A 251 6.25 13.03 -15.77
N GLN A 252 5.98 13.59 -14.60
CA GLN A 252 6.18 15.03 -14.41
C GLN A 252 7.61 15.43 -14.76
N VAL A 253 8.58 14.60 -14.40
CA VAL A 253 9.98 14.92 -14.70
C VAL A 253 10.24 14.88 -16.20
N ILE A 254 9.65 13.91 -16.90
CA ILE A 254 9.78 13.86 -18.36
C ILE A 254 9.10 15.07 -18.99
N LYS A 255 7.87 15.38 -18.54
CA LYS A 255 7.11 16.48 -19.14
C LYS A 255 7.82 17.83 -18.97
N LYS A 256 8.55 18.01 -17.87
CA LYS A 256 9.24 19.27 -17.58
C LYS A 256 10.65 19.33 -18.15
N THR A 257 11.07 18.34 -18.92
CA THR A 257 12.44 18.34 -19.45
C THR A 257 12.52 18.06 -20.94
N GLU A 258 11.72 17.15 -21.45
CA GLU A 258 11.80 16.73 -22.83
C GLU A 258 10.87 17.58 -23.69
N THR A 259 11.45 18.25 -24.69
CA THR A 259 10.73 19.12 -25.61
C THR A 259 10.37 18.45 -26.94
N ASP A 260 11.18 17.49 -27.40
CA ASP A 260 10.91 16.67 -28.58
C ASP A 260 9.67 15.81 -28.41
N MET A 261 8.90 16.02 -27.33
CA MET A 261 7.80 15.12 -27.04
C MET A 261 6.46 15.64 -27.51
N SER A 262 6.41 16.71 -28.31
CA SER A 262 5.12 17.24 -28.70
C SER A 262 4.58 16.47 -29.89
N LEU A 263 3.34 15.99 -29.74
CA LEU A 263 2.56 15.31 -30.75
C LEU A 263 1.55 16.29 -31.35
N HIS A 264 0.79 15.79 -32.31
CA HIS A 264 -0.34 16.55 -32.81
C HIS A 264 -1.26 16.94 -31.66
N PRO A 265 -1.76 18.17 -31.63
CA PRO A 265 -2.60 18.62 -30.50
C PRO A 265 -3.81 17.73 -30.25
N LEU A 266 -4.41 17.19 -31.32
CA LEU A 266 -5.48 16.20 -31.17
C LEU A 266 -4.95 14.93 -30.51
N LEU A 267 -3.73 14.51 -30.84
CA LEU A 267 -3.14 13.37 -30.14
C LEU A 267 -2.88 13.68 -28.68
N GLN A 268 -2.34 14.87 -28.40
CA GLN A 268 -2.11 15.26 -27.03
C GLN A 268 -3.39 15.15 -26.23
N GLU A 269 -4.52 15.54 -26.83
CA GLU A 269 -5.80 15.48 -26.14
C GLU A 269 -6.21 14.03 -25.91
N ILE A 270 -6.06 13.17 -26.91
CA ILE A 270 -6.45 11.78 -26.72
C ILE A 270 -5.68 11.16 -25.57
N TYR A 271 -4.39 11.49 -25.46
CA TYR A 271 -3.52 10.95 -24.43
C TYR A 271 -3.37 11.88 -23.23
N LYS A 272 -4.43 12.61 -22.87
CA LYS A 272 -4.41 13.45 -21.68
C LYS A 272 -4.09 12.61 -20.43
N HIS B 3 1.11 -23.86 7.91
CA HIS B 3 -0.20 -24.02 8.54
C HIS B 3 -0.08 -24.38 10.02
N MET B 4 -1.06 -23.95 10.81
CA MET B 4 -1.07 -24.13 12.25
C MET B 4 -2.45 -24.57 12.72
N GLU B 5 -2.49 -25.29 13.84
CA GLU B 5 -3.74 -25.72 14.44
C GLU B 5 -4.40 -24.55 15.19
N SER B 6 -5.73 -24.57 15.21
CA SER B 6 -6.50 -23.46 15.76
C SER B 6 -6.09 -23.14 17.20
N ALA B 7 -5.79 -24.16 17.99
CA ALA B 7 -5.40 -23.92 19.38
C ALA B 7 -4.03 -23.26 19.48
N ASP B 8 -3.12 -23.57 18.55
CA ASP B 8 -1.81 -22.91 18.54
C ASP B 8 -1.94 -21.45 18.13
N LEU B 9 -2.92 -21.13 17.26
CA LEU B 9 -3.12 -19.74 16.87
C LEU B 9 -3.67 -18.91 18.04
N ARG B 10 -4.54 -19.49 18.86
CA ARG B 10 -5.00 -18.76 20.03
C ARG B 10 -3.86 -18.55 21.03
N ALA B 11 -2.98 -19.54 21.18
CA ALA B 11 -1.83 -19.38 22.07
C ALA B 11 -0.91 -18.26 21.61
N LEU B 12 -0.66 -18.17 20.29
CA LEU B 12 0.18 -17.11 19.78
C LEU B 12 -0.46 -15.73 19.98
N ALA B 13 -1.78 -15.63 19.80
CA ALA B 13 -2.47 -14.35 20.03
C ALA B 13 -2.34 -13.91 21.49
N LYS B 14 -2.52 -14.84 22.43
CA LYS B 14 -2.40 -14.52 23.84
C LYS B 14 -0.96 -14.17 24.22
N HIS B 15 0.00 -14.91 23.68
CA HIS B 15 1.40 -14.54 23.90
C HIS B 15 1.65 -13.10 23.47
N LEU B 16 1.16 -12.74 22.28
CA LEU B 16 1.46 -11.41 21.74
C LEU B 16 0.76 -10.32 22.54
N TYR B 17 -0.53 -10.51 22.89
CA TYR B 17 -1.23 -9.51 23.69
C TYR B 17 -0.53 -9.28 25.02
N ASP B 18 -0.13 -10.37 25.69
CA ASP B 18 0.60 -10.29 26.96
C ASP B 18 1.87 -9.45 26.83
N SER B 19 2.64 -9.64 25.74
CA SER B 19 3.88 -8.89 25.57
C SER B 19 3.61 -7.43 25.25
N TYR B 20 2.56 -7.18 24.47
CA TYR B 20 2.18 -5.82 24.12
C TYR B 20 1.85 -5.01 25.38
N ILE B 21 1.10 -5.61 26.32
CA ILE B 21 0.80 -4.92 27.58
C ILE B 21 2.09 -4.65 28.35
N LYS B 22 3.03 -5.60 28.31
CA LYS B 22 4.25 -5.37 29.08
C LYS B 22 5.12 -4.30 28.42
N SER B 23 5.06 -4.17 27.10
CA SER B 23 5.96 -3.27 26.38
C SER B 23 5.47 -1.83 26.24
N PHE B 24 4.15 -1.62 26.16
CA PHE B 24 3.60 -0.29 25.85
C PHE B 24 2.81 0.20 27.03
N PRO B 25 3.28 1.21 27.76
CA PRO B 25 2.57 1.60 28.98
C PRO B 25 1.23 2.29 28.72
N LEU B 26 1.04 2.95 27.57
CA LEU B 26 -0.21 3.64 27.32
C LEU B 26 -0.96 2.88 26.23
N THR B 27 -1.92 2.05 26.65
CA THR B 27 -2.69 1.22 25.74
C THR B 27 -3.86 2.00 25.13
N LYS B 28 -4.45 1.42 24.08
CA LYS B 28 -5.66 2.00 23.50
C LYS B 28 -6.81 2.00 24.50
N ALA B 29 -6.93 0.92 25.29
CA ALA B 29 -7.97 0.87 26.33
C ALA B 29 -7.81 2.03 27.33
N LYS B 30 -6.58 2.31 27.79
CA LYS B 30 -6.42 3.43 28.72
C LYS B 30 -6.67 4.77 28.01
N ALA B 31 -6.17 4.91 26.78
CA ALA B 31 -6.35 6.13 26.01
C ALA B 31 -7.83 6.44 25.78
N ARG B 32 -8.63 5.43 25.46
CA ARG B 32 -10.07 5.68 25.23
C ARG B 32 -10.79 6.05 26.53
N ALA B 33 -10.40 5.47 27.66
CA ALA B 33 -11.01 5.85 28.93
C ALA B 33 -10.70 7.30 29.26
N ILE B 34 -9.51 7.77 28.91
CA ILE B 34 -9.19 9.18 29.11
C ILE B 34 -9.97 10.05 28.13
N LEU B 35 -10.00 9.65 26.85
CA LEU B 35 -10.67 10.49 25.85
C LEU B 35 -12.18 10.50 26.01
N THR B 36 -12.78 9.41 26.49
CA THR B 36 -14.23 9.38 26.59
C THR B 36 -14.70 10.18 27.79
N GLY B 37 -13.86 10.28 28.82
CA GLY B 37 -14.26 11.03 29.99
C GLY B 37 -15.06 10.22 30.98
N LYS B 38 -16.05 10.89 31.59
CA LYS B 38 -16.90 10.31 32.64
C LYS B 38 -16.04 9.81 33.79
N THR B 39 -14.85 10.38 33.92
CA THR B 39 -13.90 10.03 34.98
C THR B 39 -13.24 11.32 35.42
N THR B 40 -13.28 11.58 36.73
CA THR B 40 -12.67 12.74 37.33
C THR B 40 -11.17 12.57 37.62
N ASP B 41 -10.65 11.34 37.61
CA ASP B 41 -9.27 11.12 38.01
C ASP B 41 -8.31 11.03 36.82
N LYS B 42 -8.83 10.92 35.59
CA LYS B 42 -8.02 10.75 34.41
C LYS B 42 -8.18 11.88 33.40
N SER B 43 -8.76 13.00 33.80
CA SER B 43 -9.01 14.10 32.86
C SER B 43 -7.72 14.79 32.46
N PRO B 44 -7.45 14.96 31.16
CA PRO B 44 -6.24 15.68 30.72
C PRO B 44 -6.41 17.18 30.71
N PHE B 45 -5.27 17.87 30.85
CA PHE B 45 -5.19 19.31 30.59
C PHE B 45 -5.14 19.55 29.08
N VAL B 46 -5.94 20.49 28.59
CA VAL B 46 -6.13 20.66 27.15
C VAL B 46 -5.34 21.86 26.65
N ILE B 47 -4.54 21.66 25.60
CA ILE B 47 -3.68 22.68 25.00
C ILE B 47 -4.26 23.04 23.65
N TYR B 48 -4.75 24.28 23.52
CA TYR B 48 -5.41 24.73 22.30
C TYR B 48 -4.86 26.06 21.79
N ASP B 49 -3.92 26.69 22.49
CA ASP B 49 -3.32 27.95 22.09
C ASP B 49 -2.05 28.17 22.92
N MET B 50 -1.42 29.33 22.73
CA MET B 50 -0.17 29.63 23.39
C MET B 50 -0.27 29.62 24.91
N ASN B 51 -1.19 30.41 25.47
CA ASN B 51 -1.25 30.52 26.92
C ASN B 51 -1.55 29.17 27.58
N SER B 52 -2.48 28.41 27.01
CA SER B 52 -2.73 27.11 27.62
C SER B 52 -1.50 26.20 27.49
N LEU B 53 -0.72 26.35 26.42
CA LEU B 53 0.58 25.66 26.37
C LEU B 53 1.48 26.14 27.50
N MET B 54 1.50 27.47 27.74
CA MET B 54 2.24 28.02 28.88
C MET B 54 1.83 27.35 30.17
N MET B 55 0.52 27.27 30.42
CA MET B 55 0.02 26.63 31.64
C MET B 55 0.35 25.15 31.67
N GLY B 56 0.38 24.51 30.50
CA GLY B 56 0.60 23.08 30.44
C GLY B 56 1.92 22.63 31.05
N GLU B 57 3.00 23.40 30.82
CA GLU B 57 4.29 22.97 31.34
C GLU B 57 4.34 23.04 32.86
N ASP B 58 3.47 23.85 33.46
CA ASP B 58 3.37 23.88 34.92
C ASP B 58 2.61 22.66 35.43
N LYS B 59 1.46 22.35 34.82
CA LYS B 59 0.60 21.28 35.32
C LYS B 59 1.09 19.90 34.89
N ILE B 60 1.51 19.73 33.63
CA ILE B 60 1.81 18.39 33.13
C ILE B 60 3.27 18.05 33.42
N LYS B 61 4.18 18.49 32.54
CA LYS B 61 5.60 18.18 32.64
C LYS B 61 5.89 16.70 32.91
N GLN B 71 13.57 25.17 26.43
CA GLN B 71 12.61 26.17 26.89
C GLN B 71 12.81 27.50 26.17
N SER B 72 14.04 28.02 26.24
CA SER B 72 14.39 29.27 25.56
C SER B 72 14.42 29.06 24.05
N LYS B 73 13.25 28.81 23.45
CA LYS B 73 13.14 28.51 22.02
C LYS B 73 11.82 29.08 21.49
N GLU B 74 11.45 28.65 20.29
CA GLU B 74 10.18 29.01 19.66
C GLU B 74 9.18 27.87 19.85
N VAL B 75 7.89 28.22 19.89
CA VAL B 75 6.85 27.26 20.22
C VAL B 75 6.82 26.09 19.24
N ALA B 76 6.70 26.40 17.94
CA ALA B 76 6.59 25.34 16.93
C ALA B 76 7.77 24.39 17.02
N ILE B 77 8.96 24.92 17.30
CA ILE B 77 10.15 24.10 17.46
C ILE B 77 10.03 23.24 18.71
N ARG B 78 9.70 23.88 19.83
CA ARG B 78 9.53 23.18 21.10
C ARG B 78 8.58 22.00 20.96
N ILE B 79 7.43 22.22 20.34
CA ILE B 79 6.46 21.15 20.14
C ILE B 79 7.05 20.07 19.23
N PHE B 80 7.63 20.49 18.10
CA PHE B 80 8.20 19.52 17.18
C PHE B 80 9.29 18.70 17.88
N GLN B 81 10.14 19.37 18.66
CA GLN B 81 11.16 18.64 19.39
C GLN B 81 10.54 17.66 20.40
N GLY B 82 9.41 18.03 20.99
CA GLY B 82 8.71 17.11 21.87
C GLY B 82 8.27 15.83 21.18
N CYS B 83 7.77 15.95 19.94
CA CYS B 83 7.39 14.77 19.15
C CYS B 83 8.60 13.89 18.82
N GLN B 84 9.78 14.49 18.63
CA GLN B 84 10.96 13.67 18.39
C GLN B 84 11.33 12.86 19.62
N PHE B 85 11.29 13.51 20.79
CA PHE B 85 11.65 12.84 22.04
C PHE B 85 10.75 11.66 22.31
N ARG B 86 9.44 11.83 22.10
CA ARG B 86 8.53 10.71 22.31
C ARG B 86 8.71 9.64 21.22
N SER B 87 9.06 10.05 19.99
CA SER B 87 9.33 9.07 18.94
C SER B 87 10.47 8.15 19.32
N VAL B 88 11.53 8.70 19.92
CA VAL B 88 12.66 7.89 20.36
C VAL B 88 12.22 6.90 21.42
N GLU B 89 11.39 7.35 22.37
CA GLU B 89 10.85 6.43 23.37
C GLU B 89 10.03 5.34 22.72
N ALA B 90 9.23 5.70 21.72
CA ALA B 90 8.40 4.69 21.07
C ALA B 90 9.25 3.65 20.34
N VAL B 91 10.32 4.08 19.68
CA VAL B 91 11.21 3.14 19.02
C VAL B 91 11.74 2.13 20.02
N GLN B 92 12.06 2.62 21.22
CA GLN B 92 12.55 1.74 22.29
C GLN B 92 11.48 0.74 22.71
N GLU B 93 10.22 1.19 22.83
CA GLU B 93 9.16 0.27 23.23
C GLU B 93 8.87 -0.74 22.12
N ILE B 94 8.82 -0.27 20.89
CA ILE B 94 8.59 -1.15 19.75
C ILE B 94 9.74 -2.15 19.60
N THR B 95 10.98 -1.71 19.80
CA THR B 95 12.09 -2.66 19.71
C THR B 95 11.94 -3.77 20.74
N GLU B 96 11.54 -3.40 21.96
CA GLU B 96 11.35 -4.37 23.03
C GLU B 96 10.23 -5.36 22.71
N TYR B 97 9.13 -4.89 22.15
CA TYR B 97 8.04 -5.78 21.74
C TYR B 97 8.49 -6.75 20.66
N ALA B 98 9.27 -6.27 19.68
CA ALA B 98 9.64 -7.11 18.56
C ALA B 98 10.42 -8.35 19.01
N LYS B 99 11.28 -8.19 20.01
CA LYS B 99 12.06 -9.30 20.54
C LYS B 99 11.20 -10.42 21.10
N SER B 100 9.97 -10.12 21.53
CA SER B 100 9.05 -11.12 22.06
C SER B 100 8.35 -11.91 20.97
N ILE B 101 8.37 -11.43 19.73
CA ILE B 101 7.70 -12.12 18.63
C ILE B 101 8.46 -13.43 18.34
N PRO B 102 7.84 -14.59 18.51
CA PRO B 102 8.58 -15.85 18.31
C PRO B 102 9.27 -15.89 16.95
N GLY B 103 10.56 -16.17 16.98
CA GLY B 103 11.35 -16.27 15.78
C GLY B 103 12.12 -15.00 15.44
N PHE B 104 11.69 -13.84 15.95
CA PHE B 104 12.34 -12.62 15.52
C PHE B 104 13.82 -12.59 15.92
N VAL B 105 14.12 -12.88 17.18
CA VAL B 105 15.51 -12.77 17.65
C VAL B 105 16.38 -13.86 17.06
N ASN B 106 15.80 -14.89 16.43
CA ASN B 106 16.58 -15.96 15.82
C ASN B 106 16.99 -15.64 14.39
N LEU B 107 16.43 -14.60 13.79
CA LEU B 107 16.77 -14.15 12.45
C LEU B 107 18.19 -13.60 12.40
N ASP B 108 18.76 -13.60 11.20
CA ASP B 108 20.04 -12.93 10.94
C ASP B 108 20.02 -11.52 11.51
N LEU B 109 21.16 -11.12 12.10
CA LEU B 109 21.21 -9.86 12.84
C LEU B 109 20.93 -8.65 11.98
N ASN B 110 21.43 -8.65 10.74
CA ASN B 110 21.20 -7.52 9.84
C ASN B 110 19.74 -7.41 9.43
N ASP B 111 19.07 -8.54 9.27
CA ASP B 111 17.65 -8.52 8.93
C ASP B 111 16.83 -7.97 10.11
N GLN B 112 17.19 -8.34 11.35
CA GLN B 112 16.53 -7.76 12.52
C GLN B 112 16.61 -6.23 12.45
N VAL B 113 17.79 -5.70 12.13
CA VAL B 113 17.95 -4.26 12.02
C VAL B 113 17.08 -3.71 10.89
N THR B 114 17.06 -4.40 9.75
CA THR B 114 16.29 -3.95 8.60
C THR B 114 14.79 -3.91 8.89
N LEU B 115 14.25 -4.98 9.48
CA LEU B 115 12.82 -5.01 9.77
C LEU B 115 12.43 -3.87 10.71
N LEU B 116 13.27 -3.58 11.71
CA LEU B 116 12.99 -2.48 12.61
C LEU B 116 13.12 -1.13 11.92
N LYS B 117 14.15 -0.95 11.10
CA LYS B 117 14.38 0.33 10.43
C LYS B 117 13.15 0.76 9.63
N TYR B 118 12.57 -0.18 8.89
CA TYR B 118 11.43 0.15 8.04
C TYR B 118 10.10 -0.02 8.73
N GLY B 119 10.04 -0.73 9.86
CA GLY B 119 8.77 -1.00 10.49
C GLY B 119 8.36 -0.05 11.60
N VAL B 120 9.33 0.61 12.25
CA VAL B 120 8.99 1.37 13.45
C VAL B 120 8.03 2.52 13.12
N HIS B 121 8.18 3.14 11.95
CA HIS B 121 7.30 4.27 11.64
C HIS B 121 5.88 3.84 11.39
N GLU B 122 5.72 2.78 10.61
CA GLU B 122 4.37 2.30 10.31
C GLU B 122 3.66 1.93 11.61
N ILE B 123 4.41 1.42 12.58
CA ILE B 123 3.83 1.07 13.86
C ILE B 123 3.56 2.30 14.70
N ILE B 124 4.45 3.29 14.66
CA ILE B 124 4.21 4.51 15.43
C ILE B 124 2.91 5.16 14.97
N TYR B 125 2.70 5.25 13.65
CA TYR B 125 1.48 5.90 13.17
C TYR B 125 0.25 5.08 13.55
N THR B 126 0.36 3.76 13.49
CA THR B 126 -0.72 2.89 13.91
C THR B 126 -1.11 3.15 15.35
N MET B 127 -0.13 3.17 16.24
CA MET B 127 -0.39 3.28 17.66
C MET B 127 -0.70 4.71 18.06
N LEU B 128 -0.21 5.68 17.31
CA LEU B 128 -0.61 7.07 17.52
C LEU B 128 -2.11 7.24 17.31
N ALA B 129 -2.70 6.49 16.37
CA ALA B 129 -4.15 6.56 16.17
C ALA B 129 -4.92 6.26 17.45
N SER B 130 -4.40 5.36 18.28
CA SER B 130 -5.06 5.04 19.54
C SER B 130 -5.20 6.25 20.44
N LEU B 131 -4.28 7.21 20.32
CA LEU B 131 -4.23 8.38 21.18
C LEU B 131 -4.97 9.56 20.57
N MET B 132 -5.67 9.34 19.46
CA MET B 132 -6.23 10.40 18.65
C MET B 132 -7.75 10.27 18.58
N ASN B 133 -8.42 11.41 18.46
CA ASN B 133 -9.77 11.44 17.91
C ASN B 133 -9.78 12.53 16.84
N LYS B 134 -10.95 12.90 16.33
CA LYS B 134 -10.99 13.92 15.29
C LYS B 134 -10.57 15.31 15.76
N ASP B 135 -10.49 15.54 17.08
CA ASP B 135 -10.19 16.86 17.59
C ASP B 135 -8.79 17.04 18.15
N GLY B 136 -8.05 15.97 18.41
CA GLY B 136 -6.69 16.12 18.91
C GLY B 136 -6.09 14.80 19.35
N VAL B 137 -4.94 14.91 20.05
CA VAL B 137 -4.12 13.76 20.40
C VAL B 137 -3.66 13.85 21.85
N LEU B 138 -3.70 12.74 22.55
CA LEU B 138 -3.14 12.69 23.91
C LEU B 138 -1.63 12.82 23.87
N ILE B 139 -1.07 13.50 24.89
CA ILE B 139 0.37 13.65 25.00
C ILE B 139 0.77 13.38 26.45
N SER B 140 2.08 13.21 26.64
CA SER B 140 2.69 13.03 27.96
C SER B 140 1.94 12.00 28.82
N GLU B 141 1.93 10.76 28.32
CA GLU B 141 1.25 9.63 28.99
C GLU B 141 -0.20 9.96 29.36
N GLY B 142 -0.89 10.67 28.47
CA GLY B 142 -2.30 10.94 28.65
C GLY B 142 -2.64 12.10 29.56
N GLN B 143 -1.64 12.77 30.15
CA GLN B 143 -1.89 13.89 31.05
C GLN B 143 -2.35 15.13 30.31
N GLY B 144 -1.94 15.26 29.05
CA GLY B 144 -2.29 16.41 28.24
C GLY B 144 -3.07 15.98 27.01
N PHE B 145 -3.64 16.97 26.34
CA PHE B 145 -4.37 16.76 25.10
C PHE B 145 -4.14 18.01 24.26
N MET B 146 -3.56 17.83 23.07
CA MET B 146 -3.25 18.93 22.17
C MET B 146 -4.23 18.89 21.00
N THR B 147 -4.94 20.01 20.76
CA THR B 147 -6.00 20.00 19.78
C THR B 147 -5.43 19.97 18.36
N ARG B 148 -6.19 19.36 17.45
CA ARG B 148 -5.80 19.30 16.04
C ARG B 148 -5.68 20.70 15.45
N GLU B 149 -6.59 21.60 15.80
CA GLU B 149 -6.57 22.96 15.26
C GLU B 149 -5.29 23.69 15.65
N PHE B 150 -4.87 23.55 16.90
CA PHE B 150 -3.65 24.24 17.34
C PHE B 150 -2.44 23.76 16.56
N LEU B 151 -2.36 22.45 16.35
CA LEU B 151 -1.27 21.87 15.57
C LEU B 151 -1.30 22.39 14.14
N LYS B 152 -2.48 22.48 13.53
CA LYS B 152 -2.58 22.93 12.15
C LYS B 152 -2.17 24.40 12.00
N SER B 153 -2.27 25.18 13.05
CA SER B 153 -1.97 26.60 12.95
C SER B 153 -0.51 26.93 13.22
N LEU B 154 0.33 25.94 13.48
CA LEU B 154 1.76 26.20 13.64
C LEU B 154 2.36 26.69 12.34
N ARG B 155 3.39 27.52 12.44
CA ARG B 155 3.90 28.23 11.27
C ARG B 155 4.70 27.30 10.36
N LYS B 156 5.12 27.85 9.22
CA LYS B 156 6.08 27.29 8.28
C LYS B 156 5.68 25.89 7.87
N PRO B 157 6.61 24.92 7.93
CA PRO B 157 6.27 23.55 7.55
C PRO B 157 5.64 22.74 8.67
N PHE B 158 5.70 23.24 9.91
CA PHE B 158 5.29 22.45 11.07
C PHE B 158 3.78 22.28 11.14
N GLY B 159 3.02 23.26 10.66
CA GLY B 159 1.56 23.17 10.70
C GLY B 159 1.01 21.90 10.10
N ASP B 160 1.55 21.48 8.96
CA ASP B 160 1.08 20.32 8.21
C ASP B 160 1.76 19.02 8.61
N PHE B 161 2.56 19.03 9.68
CA PHE B 161 3.27 17.83 10.09
C PHE B 161 2.33 16.76 10.65
N MET B 162 1.34 17.16 11.45
CA MET B 162 0.45 16.23 12.13
C MET B 162 -0.81 15.88 11.35
N GLU B 163 -1.27 16.76 10.48
CA GLU B 163 -2.60 16.59 9.90
C GLU B 163 -2.76 15.28 9.10
N PRO B 164 -1.81 14.82 8.29
CA PRO B 164 -2.01 13.51 7.64
C PRO B 164 -2.18 12.38 8.65
N LYS B 165 -1.52 12.49 9.81
CA LYS B 165 -1.66 11.48 10.85
C LYS B 165 -3.09 11.43 11.38
N PHE B 166 -3.69 12.61 11.63
CA PHE B 166 -5.08 12.68 12.06
C PHE B 166 -6.01 12.09 11.01
N GLU B 167 -5.75 12.42 9.74
CA GLU B 167 -6.57 11.91 8.64
C GLU B 167 -6.57 10.39 8.59
N PHE B 168 -5.40 9.78 8.75
CA PHE B 168 -5.34 8.33 8.84
C PHE B 168 -6.06 7.82 10.09
N ALA B 169 -5.82 8.45 11.24
CA ALA B 169 -6.37 7.92 12.48
C ALA B 169 -7.89 7.85 12.46
N VAL B 170 -8.55 8.89 11.93
CA VAL B 170 -10.01 8.90 11.90
C VAL B 170 -10.53 7.70 11.13
N LYS B 171 -9.91 7.39 9.99
CA LYS B 171 -10.29 6.20 9.23
C LYS B 171 -9.90 4.92 9.95
N PHE B 172 -8.68 4.85 10.48
CA PHE B 172 -8.24 3.60 11.10
C PHE B 172 -9.07 3.30 12.34
N ASN B 173 -9.37 4.33 13.15
CA ASN B 173 -10.16 4.15 14.35
C ASN B 173 -11.58 3.68 14.05
N ALA B 174 -12.11 3.95 12.86
CA ALA B 174 -13.43 3.45 12.49
C ALA B 174 -13.47 1.93 12.40
N LEU B 175 -12.32 1.27 12.32
CA LEU B 175 -12.29 -0.20 12.35
C LEU B 175 -12.60 -0.74 13.73
N GLU B 176 -12.46 0.07 14.78
CA GLU B 176 -12.81 -0.31 16.15
C GLU B 176 -11.95 -1.48 16.66
N LEU B 177 -10.67 -1.46 16.36
CA LEU B 177 -9.76 -2.46 16.91
C LEU B 177 -9.53 -2.23 18.39
N ASP B 178 -9.27 -3.32 19.12
CA ASP B 178 -8.79 -3.21 20.48
C ASP B 178 -7.34 -3.66 20.55
N ASP B 179 -6.76 -3.52 21.74
CA ASP B 179 -5.34 -3.80 21.90
C ASP B 179 -4.99 -5.23 21.51
N SER B 180 -5.87 -6.19 21.83
CA SER B 180 -5.56 -7.59 21.50
C SER B 180 -5.48 -7.80 19.99
N ASP B 181 -6.26 -7.04 19.21
CA ASP B 181 -6.11 -7.09 17.75
C ASP B 181 -4.83 -6.38 17.33
N LEU B 182 -4.56 -5.21 17.90
CA LEU B 182 -3.43 -4.40 17.48
C LEU B 182 -2.12 -5.13 17.74
N ALA B 183 -2.04 -5.91 18.83
CA ALA B 183 -0.82 -6.65 19.15
C ALA B 183 -0.38 -7.54 17.99
N ILE B 184 -1.32 -8.24 17.36
CA ILE B 184 -0.95 -9.11 16.25
C ILE B 184 -0.67 -8.31 14.98
N PHE B 185 -1.50 -7.29 14.74
CA PHE B 185 -1.32 -6.45 13.56
C PHE B 185 0.06 -5.83 13.56
N ILE B 186 0.50 -5.33 14.72
CA ILE B 186 1.83 -4.74 14.83
C ILE B 186 2.91 -5.76 14.51
N ALA B 187 2.75 -7.00 15.02
CA ALA B 187 3.69 -8.07 14.73
C ALA B 187 3.75 -8.36 13.24
N VAL B 188 2.58 -8.38 12.56
CA VAL B 188 2.55 -8.64 11.12
C VAL B 188 3.30 -7.56 10.36
N ILE B 189 3.18 -6.29 10.80
CA ILE B 189 3.92 -5.22 10.13
C ILE B 189 5.42 -5.44 10.22
N ILE B 190 5.92 -5.80 11.42
CA ILE B 190 7.37 -5.92 11.61
C ILE B 190 7.94 -7.02 10.73
N LEU B 191 7.27 -8.16 10.66
CA LEU B 191 7.79 -9.32 9.94
C LEU B 191 7.41 -9.26 8.47
N SER B 192 7.74 -8.16 7.82
CA SER B 192 7.45 -7.97 6.41
C SER B 192 8.63 -8.42 5.57
N GLY B 193 8.43 -9.42 4.73
CA GLY B 193 9.52 -9.94 3.94
C GLY B 193 9.92 -9.11 2.72
N ASP B 194 9.21 -8.02 2.44
CA ASP B 194 9.46 -7.21 1.25
C ASP B 194 10.23 -5.93 1.57
N ARG B 195 10.82 -5.83 2.76
CA ARG B 195 11.63 -4.67 3.08
C ARG B 195 12.88 -4.66 2.20
N PRO B 196 13.32 -3.48 1.75
CA PRO B 196 14.54 -3.42 0.91
C PRO B 196 15.75 -3.93 1.68
N GLY B 197 16.55 -4.75 1.00
CA GLY B 197 17.85 -5.17 1.51
C GLY B 197 17.84 -6.35 2.44
N LEU B 198 16.71 -7.04 2.57
CA LEU B 198 16.65 -8.23 3.41
C LEU B 198 17.49 -9.35 2.83
N LEU B 199 18.23 -10.06 3.69
CA LEU B 199 19.12 -11.11 3.25
C LEU B 199 18.43 -12.47 3.11
N ASN B 200 17.58 -12.86 4.06
CA ASN B 200 16.93 -14.18 4.03
C ASN B 200 15.43 -13.93 4.13
N VAL B 201 14.78 -13.73 2.97
CA VAL B 201 13.36 -13.38 2.99
C VAL B 201 12.50 -14.55 3.51
N LYS B 202 12.91 -15.78 3.24
CA LYS B 202 12.07 -16.93 3.55
C LYS B 202 11.76 -17.10 5.04
N PRO B 203 12.73 -17.12 5.96
CA PRO B 203 12.36 -17.30 7.37
C PRO B 203 11.50 -16.17 7.92
N ILE B 204 11.58 -14.98 7.35
CA ILE B 204 10.70 -13.88 7.77
C ILE B 204 9.26 -14.16 7.31
N GLU B 205 9.09 -14.60 6.07
CA GLU B 205 7.77 -14.88 5.53
C GLU B 205 7.09 -16.08 6.21
N ASP B 206 7.87 -17.05 6.69
CA ASP B 206 7.27 -18.14 7.44
C ASP B 206 6.67 -17.64 8.75
N ILE B 207 7.37 -16.74 9.42
CA ILE B 207 6.83 -16.17 10.65
C ILE B 207 5.60 -15.32 10.34
N GLN B 208 5.66 -14.52 9.27
CA GLN B 208 4.52 -13.66 8.96
C GLN B 208 3.30 -14.50 8.60
N ASP B 209 3.51 -15.62 7.91
CA ASP B 209 2.42 -16.55 7.60
C ASP B 209 1.69 -16.98 8.87
N ASN B 210 2.46 -17.31 9.92
CA ASN B 210 1.88 -17.67 11.22
C ASN B 210 1.14 -16.49 11.85
N LEU B 211 1.76 -15.31 11.82
CA LEU B 211 1.14 -14.13 12.42
C LEU B 211 -0.14 -13.75 11.70
N LEU B 212 -0.14 -13.87 10.37
CA LEU B 212 -1.32 -13.58 9.58
C LEU B 212 -2.45 -14.54 9.89
N GLN B 213 -2.14 -15.84 10.00
CA GLN B 213 -3.15 -16.81 10.42
C GLN B 213 -3.69 -16.47 11.80
N ALA B 214 -2.82 -16.04 12.71
CA ALA B 214 -3.27 -15.71 14.05
C ALA B 214 -4.14 -14.46 14.02
N LEU B 215 -3.79 -13.48 13.19
CA LEU B 215 -4.60 -12.27 13.08
C LEU B 215 -5.97 -12.57 12.48
N GLU B 216 -6.02 -13.42 11.46
CA GLU B 216 -7.28 -13.76 10.81
C GLU B 216 -8.23 -14.43 11.79
N LEU B 217 -7.75 -15.41 12.54
CA LEU B 217 -8.59 -16.08 13.53
C LEU B 217 -8.97 -15.13 14.66
N GLN B 218 -8.03 -14.30 15.13
CA GLN B 218 -8.35 -13.30 16.15
C GLN B 218 -9.48 -12.37 15.70
N LEU B 219 -9.41 -11.85 14.48
CA LEU B 219 -10.44 -10.91 14.05
C LEU B 219 -11.79 -11.60 13.91
N LYS B 220 -11.80 -12.86 13.50
CA LYS B 220 -13.06 -13.57 13.32
C LYS B 220 -13.76 -13.80 14.66
N LEU B 221 -13.01 -14.21 15.70
CA LEU B 221 -13.61 -14.44 17.02
C LEU B 221 -14.01 -13.15 17.71
N ASN B 222 -13.17 -12.11 17.64
CA ASN B 222 -13.37 -10.89 18.40
C ASN B 222 -14.29 -9.90 17.70
N HIS B 223 -14.50 -10.04 16.40
CA HIS B 223 -15.39 -9.17 15.63
C HIS B 223 -16.20 -10.00 14.64
N PRO B 224 -16.97 -10.98 15.13
CA PRO B 224 -17.62 -11.93 14.20
C PRO B 224 -18.60 -11.28 13.25
N GLU B 225 -19.18 -10.16 13.61
CA GLU B 225 -20.12 -9.45 12.76
C GLU B 225 -19.45 -8.48 11.80
N SER B 226 -18.14 -8.24 11.93
CA SER B 226 -17.46 -7.25 11.09
C SER B 226 -16.87 -7.97 9.90
N SER B 227 -17.65 -8.04 8.82
CA SER B 227 -17.31 -8.83 7.65
C SER B 227 -16.06 -8.31 6.96
N GLN B 228 -15.17 -9.25 6.61
CA GLN B 228 -13.92 -8.96 5.89
C GLN B 228 -13.04 -7.95 6.62
N LEU B 229 -13.09 -7.91 7.95
CA LEU B 229 -12.24 -6.97 8.67
C LEU B 229 -10.78 -7.28 8.44
N PHE B 230 -10.45 -8.56 8.33
CA PHE B 230 -9.08 -9.00 8.04
C PHE B 230 -8.54 -8.32 6.79
N ALA B 231 -9.27 -8.45 5.68
CA ALA B 231 -8.90 -7.81 4.42
C ALA B 231 -8.87 -6.28 4.53
N LYS B 232 -9.86 -5.67 5.21
CA LYS B 232 -9.87 -4.21 5.31
C LYS B 232 -8.67 -3.71 6.10
N LEU B 233 -8.33 -4.42 7.19
CA LEU B 233 -7.16 -4.05 7.97
C LEU B 233 -5.87 -4.15 7.14
N LEU B 234 -5.72 -5.22 6.33
CA LEU B 234 -4.53 -5.33 5.50
C LEU B 234 -4.47 -4.20 4.47
N GLN B 235 -5.61 -3.77 3.96
CA GLN B 235 -5.61 -2.62 3.06
C GLN B 235 -5.12 -1.36 3.75
N LYS B 236 -5.18 -1.30 5.09
CA LYS B 236 -4.66 -0.12 5.78
C LYS B 236 -3.14 -0.01 5.74
N MET B 237 -2.42 -1.13 5.55
CA MET B 237 -0.96 -1.00 5.43
C MET B 237 -0.57 -0.14 4.25
N THR B 238 -1.45 0.00 3.27
CA THR B 238 -1.21 0.94 2.18
C THR B 238 -1.23 2.39 2.68
N ASP B 239 -2.21 2.74 3.50
CA ASP B 239 -2.25 4.10 4.03
C ASP B 239 -1.01 4.39 4.88
N LEU B 240 -0.56 3.41 5.66
CA LEU B 240 0.62 3.62 6.50
C LEU B 240 1.85 3.93 5.67
N ARG B 241 2.14 3.10 4.67
CA ARG B 241 3.31 3.30 3.83
C ARG B 241 3.35 4.72 3.26
N GLN B 242 2.19 5.21 2.76
CA GLN B 242 2.13 6.52 2.13
C GLN B 242 2.39 7.65 3.13
N ILE B 243 1.88 7.50 4.36
CA ILE B 243 2.10 8.56 5.35
C ILE B 243 3.58 8.62 5.76
N VAL B 244 4.22 7.46 5.83
CA VAL B 244 5.65 7.40 6.10
C VAL B 244 6.44 8.17 5.03
N THR B 245 6.08 7.99 3.76
CA THR B 245 6.80 8.68 2.68
C THR B 245 6.65 10.19 2.79
N GLU B 246 5.42 10.68 2.99
CA GLU B 246 5.22 12.11 3.17
C GLU B 246 6.05 12.64 4.33
N HIS B 247 6.08 11.89 5.44
CA HIS B 247 6.79 12.35 6.62
C HIS B 247 8.28 12.52 6.35
N VAL B 248 8.90 11.52 5.71
CA VAL B 248 10.33 11.61 5.39
C VAL B 248 10.62 12.86 4.58
N GLN B 249 9.74 13.17 3.61
CA GLN B 249 9.94 14.36 2.78
C GLN B 249 9.74 15.64 3.57
N LEU B 250 8.91 15.62 4.62
CA LEU B 250 8.78 16.81 5.47
C LEU B 250 10.05 17.05 6.27
N LEU B 251 10.65 15.98 6.81
CA LEU B 251 11.91 16.13 7.53
C LEU B 251 13.01 16.67 6.63
N GLN B 252 13.14 16.12 5.42
CA GLN B 252 14.17 16.60 4.50
C GLN B 252 14.05 18.11 4.29
N VAL B 253 12.82 18.62 4.16
CA VAL B 253 12.63 20.06 3.98
C VAL B 253 13.00 20.80 5.26
N ILE B 254 12.64 20.23 6.41
CA ILE B 254 12.99 20.83 7.69
C ILE B 254 14.51 20.88 7.89
N LYS B 255 15.19 19.76 7.60
CA LYS B 255 16.65 19.69 7.79
C LYS B 255 17.39 20.72 6.95
N LYS B 256 16.85 21.08 5.78
CA LYS B 256 17.49 22.03 4.89
C LYS B 256 17.13 23.48 5.21
N THR B 257 16.43 23.72 6.32
CA THR B 257 16.13 25.08 6.74
C THR B 257 16.39 25.29 8.22
N GLU B 258 16.02 24.35 9.07
CA GLU B 258 16.16 24.51 10.51
C GLU B 258 17.47 23.90 10.97
N THR B 259 18.38 24.74 11.46
CA THR B 259 19.62 24.29 12.06
C THR B 259 19.51 24.21 13.58
N ASP B 260 18.60 24.99 14.17
CA ASP B 260 18.31 24.89 15.59
C ASP B 260 17.83 23.51 16.00
N MET B 261 17.55 22.62 15.03
CA MET B 261 17.04 21.28 15.25
C MET B 261 18.08 20.20 15.00
N SER B 262 18.47 19.49 16.04
CA SER B 262 19.24 18.26 15.91
C SER B 262 18.31 17.07 16.08
N LEU B 263 18.49 16.03 15.27
CA LEU B 263 17.68 14.84 15.54
C LEU B 263 18.47 13.87 16.41
N HIS B 264 17.73 13.01 17.11
CA HIS B 264 18.32 11.95 17.89
C HIS B 264 19.08 11.00 16.97
N PRO B 265 20.26 10.51 17.37
CA PRO B 265 20.99 9.58 16.49
C PRO B 265 20.17 8.36 16.10
N LEU B 266 19.38 7.84 17.04
CA LEU B 266 18.50 6.72 16.75
C LEU B 266 17.52 7.07 15.64
N LEU B 267 16.98 8.28 15.66
CA LEU B 267 16.07 8.69 14.60
C LEU B 267 16.81 8.90 13.27
N GLN B 268 17.97 9.57 13.32
CA GLN B 268 18.77 9.77 12.12
C GLN B 268 19.10 8.47 11.41
N GLU B 269 19.47 7.43 12.16
CA GLU B 269 19.86 6.19 11.53
C GLU B 269 18.68 5.53 10.83
N ILE B 270 17.50 5.56 11.45
CA ILE B 270 16.32 4.97 10.83
C ILE B 270 16.01 5.63 9.48
N TYR B 271 16.21 6.97 9.39
CA TYR B 271 15.82 7.69 8.17
C TYR B 271 16.87 7.66 7.07
N LYS B 272 18.14 7.37 7.38
CA LYS B 272 19.15 7.22 6.35
C LYS B 272 18.71 6.12 5.39
N ASP B 273 18.36 6.51 4.16
CA ASP B 273 17.98 5.60 3.07
C ASP B 273 16.60 4.93 3.29
CL1 A1IPR C . 2.53 0.26 -16.37
C2 A1IPR C . -0.43 -3.51 -21.88
C3 A1IPR C . -0.62 -2.75 -20.73
C4 A1IPR C . 0.31 -1.79 -20.38
C1 A1IPR C . -1.41 -4.56 -22.28
C10 A1IPR C . 0.56 2.07 -16.18
C11 A1IPR C . -0.11 3.22 -16.54
C12 A1IPR C . 0.35 4.01 -17.59
C13 A1IPR C . 1.49 3.66 -18.29
C14 A1IPR C . 1.96 4.55 -19.41
C15 A1IPR C . 4.44 0.11 -19.78
C16 A1IPR C . 5.80 0.16 -19.50
C17 A1IPR C . 6.59 -0.87 -19.97
C18 A1IPR C . 8.04 -0.89 -19.65
C19 A1IPR C . 6.06 -1.89 -20.75
C20 A1IPR C . 4.72 -1.94 -21.06
C21 A1IPR C . 3.88 -0.92 -20.55
C22 A1IPR C . 1.65 -2.37 -22.29
C23 A1IPR C . 2.67 -2.41 -24.48
C24 A1IPR C . 3.83 -1.80 -25.21
C25 A1IPR C . 3.68 -1.33 -26.50
C26 A1IPR C . 4.75 -0.77 -27.18
C27 A1IPR C . 5.98 -0.67 -26.58
C28 A1IPR C . 6.15 -1.15 -25.30
C29 A1IPR C . 5.07 -1.71 -24.62
C30 A1IPR C . 0.71 -3.32 -22.65
C5 A1IPR C . 1.43 -1.54 -21.18
C6 A1IPR C . 2.48 -0.66 -20.66
C7 A1IPR C . 3.43 2.07 -18.62
C8 A1IPR C . 2.18 2.49 -17.92
C9 A1IPR C . 1.71 1.71 -16.87
F1 A1IPR C . 2.90 5.41 -19.02
F2 A1IPR C . 0.99 5.32 -19.91
F3 A1IPR C . 2.48 3.87 -20.45
F4 A1IPR C . 8.87 -0.57 -20.64
F5 A1IPR C . 8.38 -2.10 -19.24
F6 A1IPR C . 8.30 -0.14 -18.60
N1 A1IPR C . 2.17 0.40 -19.92
N2 A1IPR C . 3.37 0.92 -19.42
O1 A1IPR C . -1.28 -5.07 -23.42
O2 A1IPR C . -2.25 -4.96 -21.43
O3 A1IPR C . 4.48 2.66 -18.47
O4 A1IPR C . 2.76 -2.16 -23.06
#